data_4QJB
#
_entry.id   4QJB
#
_cell.length_a   77.900
_cell.length_b   43.800
_cell.length_c   83.900
_cell.angle_alpha   90.00
_cell.angle_beta   101.10
_cell.angle_gamma   90.00
#
_symmetry.space_group_name_H-M   'P 1 21 1'
#
loop_
_entity.id
_entity.type
_entity.pdbx_description
1 polymer 'Haloacid dehalogenase-like hydrolase'
2 non-polymer 'MAGNESIUM ION'
3 non-polymer 'CHLORIDE ION'
4 water water
#
_entity_poly.entity_id   1
_entity_poly.type   'polypeptide(L)'
_entity_poly.pdbx_seq_one_letter_code
;MAHHHHHHMHEIVDKNGKKVQKNNLNDEIKIIFTDLDGTLLNSENKVSEQNLESLIRAQEKGIKVVIATGRSIFSVENVI
GEHVKKNRISLLPGIYMNGCVTFDEKGSRVIDRIMNNDLKMEIHEFSKQINISKYAIWFCLEKTYCFEINDCIREYMEVE
ALNPDVIEDNMLEGLTVYKVLFSLPENILENTLKLCREKFSHRINVANTFQSYVELFHQHTNKFEGVKEICKYYNISLNN
ALAMGDGENDIEMLSGLTHSVGVHNASEKVKNSAAYVGPSNNEHAISHVLKTFCDI
;
_entity_poly.pdbx_strand_id   A,B
#
# COMPACT_ATOMS: atom_id res chain seq x y z
N MET A 9 19.15 11.53 3.88
CA MET A 9 18.89 12.01 5.27
C MET A 9 17.81 11.14 5.91
N HIS A 10 18.20 10.42 6.96
CA HIS A 10 17.32 9.46 7.62
C HIS A 10 17.41 9.57 9.14
N GLU A 11 17.75 10.75 9.62
CA GLU A 11 17.99 10.97 11.05
C GLU A 11 16.87 11.74 11.73
N ILE A 12 16.77 11.57 13.05
CA ILE A 12 15.88 12.37 13.89
C ILE A 12 16.72 13.01 15.00
N VAL A 13 16.68 14.34 15.07
CA VAL A 13 17.53 15.08 16.01
C VAL A 13 16.70 16.05 16.86
N ASP A 14 17.27 16.46 18.00
CA ASP A 14 16.59 17.40 18.88
C ASP A 14 16.93 18.84 18.50
N LYS A 15 16.52 19.78 19.35
CA LYS A 15 16.70 21.20 19.08
C LYS A 15 18.17 21.57 18.91
N ASN A 16 19.05 20.78 19.50
CA ASN A 16 20.49 21.04 19.43
C ASN A 16 21.17 20.30 18.29
N GLY A 17 20.40 19.54 17.51
CA GLY A 17 20.93 18.78 16.40
C GLY A 17 21.45 17.41 16.82
N LYS A 18 21.29 17.07 18.09
CA LYS A 18 21.74 15.78 18.60
C LYS A 18 20.72 14.70 18.29
N LYS A 19 21.19 13.57 17.78
CA LYS A 19 20.31 12.46 17.44
C LYS A 19 19.58 11.92 18.66
N VAL A 20 18.29 11.64 18.49
CA VAL A 20 17.49 11.03 19.54
C VAL A 20 17.82 9.55 19.60
N GLN A 21 18.08 9.04 20.80
CA GLN A 21 18.41 7.64 20.99
C GLN A 21 17.40 6.97 21.91
N LYS A 22 16.99 5.76 21.54
CA LYS A 22 15.95 5.02 22.26
C LYS A 22 16.29 4.87 23.74
N ASN A 23 17.56 4.58 24.02
CA ASN A 23 18.00 4.34 25.39
C ASN A 23 17.99 5.62 26.25
N ASN A 24 17.93 6.77 25.60
CA ASN A 24 17.85 8.04 26.31
C ASN A 24 16.40 8.44 26.60
N LEU A 25 15.46 7.81 25.91
CA LEU A 25 14.05 8.08 26.11
C LEU A 25 13.51 7.36 27.34
N ASN A 26 12.77 8.11 28.16
CA ASN A 26 12.14 7.54 29.36
C ASN A 26 10.62 7.41 29.17
N ASP A 27 10.17 7.51 27.93
CA ASP A 27 8.75 7.39 27.61
C ASP A 27 8.52 6.40 26.48
N GLU A 28 7.72 5.37 26.74
CA GLU A 28 7.32 4.45 25.68
C GLU A 28 6.33 5.15 24.79
N ILE A 29 6.58 5.13 23.48
CA ILE A 29 5.65 5.69 22.51
C ILE A 29 4.64 4.63 22.10
N LYS A 30 3.39 4.82 22.54
CA LYS A 30 2.34 3.84 22.31
C LYS A 30 1.48 4.21 21.11
N ILE A 31 1.53 5.47 20.70
CA ILE A 31 0.66 5.96 19.65
C ILE A 31 1.32 7.09 18.86
N ILE A 32 1.16 7.03 17.54
CA ILE A 32 1.74 8.02 16.64
C ILE A 32 0.63 8.68 15.83
N PHE A 33 0.58 10.00 15.92
CA PHE A 33 -0.34 10.79 15.11
C PHE A 33 0.45 11.41 13.97
N THR A 34 0.00 11.18 12.75
CA THR A 34 0.73 11.66 11.58
C THR A 34 -0.17 12.34 10.57
N ASP A 35 0.29 13.47 10.05
CA ASP A 35 -0.37 14.11 8.94
C ASP A 35 -0.18 13.24 7.70
N LEU A 36 -1.03 13.43 6.71
CA LEU A 36 -0.98 12.61 5.50
C LEU A 36 -0.12 13.28 4.45
N ASP A 37 -0.68 14.25 3.73
CA ASP A 37 0.06 14.98 2.70
C ASP A 37 1.25 15.68 3.32
N GLY A 38 2.42 15.51 2.71
CA GLY A 38 3.62 16.21 3.13
C GLY A 38 4.32 15.62 4.33
N THR A 39 3.81 14.51 4.84
CA THR A 39 4.39 13.85 6.01
C THR A 39 4.53 12.35 5.79
N LEU A 40 3.40 11.64 5.79
CA LEU A 40 3.39 10.21 5.54
C LEU A 40 3.50 9.92 4.05
N LEU A 41 2.76 10.68 3.25
CA LEU A 41 2.80 10.51 1.80
C LEU A 41 3.96 11.30 1.21
N ASN A 42 4.64 10.70 0.23
CA ASN A 42 5.70 11.38 -0.49
C ASN A 42 5.10 12.38 -1.49
N SER A 43 5.97 13.03 -2.25
CA SER A 43 5.54 14.04 -3.22
C SER A 43 4.61 13.46 -4.28
N GLU A 44 4.65 12.14 -4.45
CA GLU A 44 3.78 11.47 -5.41
C GLU A 44 2.48 11.02 -4.75
N ASN A 45 2.25 11.46 -3.51
CA ASN A 45 1.03 11.15 -2.79
C ASN A 45 0.87 9.66 -2.57
N LYS A 46 1.98 8.97 -2.34
CA LYS A 46 1.98 7.53 -2.09
C LYS A 46 2.69 7.22 -0.79
N VAL A 47 2.37 6.08 -0.20
CA VAL A 47 3.11 5.57 0.95
C VAL A 47 4.27 4.71 0.46
N SER A 48 5.49 5.17 0.70
CA SER A 48 6.67 4.45 0.28
C SER A 48 6.68 3.04 0.85
N GLU A 49 7.37 2.12 0.18
CA GLU A 49 7.45 0.75 0.63
C GLU A 49 8.14 0.65 1.99
N GLN A 50 9.15 1.48 2.22
CA GLN A 50 9.84 1.51 3.50
C GLN A 50 8.89 1.87 4.62
N ASN A 51 8.08 2.90 4.41
CA ASN A 51 7.06 3.29 5.38
C ASN A 51 6.06 2.14 5.60
N LEU A 52 5.58 1.57 4.50
CA LEU A 52 4.62 0.47 4.56
C LEU A 52 5.17 -0.68 5.40
N GLU A 53 6.43 -1.03 5.15
CA GLU A 53 7.07 -2.12 5.87
C GLU A 53 7.14 -1.84 7.36
N SER A 54 7.35 -0.59 7.73
CA SER A 54 7.44 -0.22 9.14
CA SER A 54 7.44 -0.20 9.15
C SER A 54 6.06 -0.18 9.78
N LEU A 55 5.05 0.22 9.01
CA LEU A 55 3.67 0.25 9.50
C LEU A 55 3.17 -1.16 9.81
N ILE A 56 3.63 -2.13 9.03
CA ILE A 56 3.27 -3.52 9.28
C ILE A 56 3.85 -3.97 10.62
N ARG A 57 5.11 -3.66 10.84
CA ARG A 57 5.77 -4.03 12.10
C ARG A 57 5.13 -3.31 13.28
N ALA A 58 4.64 -2.09 13.04
CA ALA A 58 3.98 -1.32 14.08
C ALA A 58 2.71 -2.02 14.55
N GLN A 59 1.92 -2.51 13.59
CA GLN A 59 0.71 -3.26 13.90
C GLN A 59 1.03 -4.53 14.68
N GLU A 60 2.12 -5.18 14.30
CA GLU A 60 2.55 -6.41 14.97
C GLU A 60 2.90 -6.14 16.43
N LYS A 61 3.48 -4.97 16.68
CA LYS A 61 3.91 -4.59 18.03
C LYS A 61 2.81 -3.87 18.82
N GLY A 62 1.68 -3.62 18.17
CA GLY A 62 0.54 -2.98 18.83
C GLY A 62 0.69 -1.48 18.97
N ILE A 63 1.55 -0.87 18.16
CA ILE A 63 1.69 0.58 18.13
C ILE A 63 0.62 1.18 17.25
N LYS A 64 -0.21 2.04 17.83
CA LYS A 64 -1.31 2.66 17.08
C LYS A 64 -0.81 3.81 16.21
N VAL A 65 -1.29 3.85 14.96
CA VAL A 65 -0.96 4.92 14.03
C VAL A 65 -2.26 5.58 13.58
N VAL A 66 -2.37 6.88 13.84
CA VAL A 66 -3.61 7.60 13.61
C VAL A 66 -3.36 8.77 12.67
N ILE A 67 -4.21 8.87 11.64
CA ILE A 67 -4.14 9.97 10.69
C ILE A 67 -4.66 11.25 11.33
N ALA A 68 -3.92 12.35 11.13
CA ALA A 68 -4.35 13.67 11.57
C ALA A 68 -4.24 14.64 10.40
N THR A 69 -5.37 14.88 9.74
CA THR A 69 -5.38 15.57 8.46
C THR A 69 -6.46 16.65 8.41
N GLY A 70 -6.30 17.59 7.48
CA GLY A 70 -7.34 18.55 7.18
C GLY A 70 -8.37 17.92 6.26
N ARG A 71 -8.00 16.81 5.65
CA ARG A 71 -8.89 16.09 4.74
C ARG A 71 -10.09 15.52 5.47
N SER A 72 -11.13 15.19 4.69
CA SER A 72 -12.22 14.38 5.21
C SER A 72 -11.79 12.91 5.14
N ILE A 73 -12.43 12.06 5.93
CA ILE A 73 -12.11 10.64 5.92
C ILE A 73 -12.34 10.05 4.54
N PHE A 74 -13.28 10.63 3.80
CA PHE A 74 -13.64 10.12 2.48
C PHE A 74 -12.52 10.30 1.46
N SER A 75 -11.90 11.49 1.43
CA SER A 75 -10.81 11.72 0.50
C SER A 75 -9.59 10.92 0.90
N VAL A 76 -9.40 10.73 2.21
CA VAL A 76 -8.29 9.91 2.70
C VAL A 76 -8.43 8.50 2.17
N GLU A 77 -9.62 7.94 2.28
CA GLU A 77 -9.87 6.59 1.82
C GLU A 77 -9.59 6.46 0.33
N ASN A 78 -9.79 7.55 -0.42
CA ASN A 78 -9.53 7.55 -1.86
C ASN A 78 -8.04 7.59 -2.20
N VAL A 79 -7.22 8.10 -1.29
CA VAL A 79 -5.79 8.25 -1.55
C VAL A 79 -5.00 7.01 -1.12
N ILE A 80 -5.38 6.44 0.02
CA ILE A 80 -4.67 5.27 0.55
C ILE A 80 -5.61 4.08 0.74
N GLY A 81 -6.63 4.01 -0.09
CA GLY A 81 -7.64 2.97 0.02
C GLY A 81 -7.09 1.55 0.02
N GLU A 82 -6.07 1.32 -0.78
CA GLU A 82 -5.47 -0.01 -0.87
C GLU A 82 -4.88 -0.45 0.46
N HIS A 83 -4.30 0.50 1.18
CA HIS A 83 -3.69 0.21 2.48
C HIS A 83 -4.77 0.00 3.54
N VAL A 84 -5.88 0.70 3.40
CA VAL A 84 -6.99 0.56 4.34
C VAL A 84 -7.69 -0.79 4.15
N LYS A 85 -7.87 -1.20 2.90
CA LYS A 85 -8.56 -2.44 2.61
C LYS A 85 -7.80 -3.65 3.17
N LYS A 86 -6.47 -3.55 3.21
CA LYS A 86 -5.65 -4.61 3.77
C LYS A 86 -5.46 -4.44 5.28
N ASN A 87 -6.18 -3.49 5.87
CA ASN A 87 -6.10 -3.22 7.30
C ASN A 87 -4.67 -2.93 7.75
N ARG A 88 -3.92 -2.23 6.90
CA ARG A 88 -2.55 -1.83 7.23
C ARG A 88 -2.49 -0.39 7.72
N ILE A 89 -3.51 0.39 7.40
CA ILE A 89 -3.72 1.70 7.98
C ILE A 89 -5.19 1.82 8.40
N SER A 90 -5.42 2.12 9.67
CA SER A 90 -6.77 2.30 10.17
C SER A 90 -7.19 3.75 10.04
N LEU A 91 -8.41 3.97 9.56
CA LEU A 91 -8.99 5.31 9.48
C LEU A 91 -9.78 5.64 10.73
N LEU A 92 -10.11 4.61 11.51
CA LEU A 92 -10.82 4.77 12.76
C LEU A 92 -10.00 4.10 13.86
N PRO A 93 -9.61 4.87 14.91
CA PRO A 93 -9.87 6.29 15.11
C PRO A 93 -9.06 7.15 14.15
N GLY A 94 -9.51 8.38 13.96
CA GLY A 94 -8.83 9.30 13.07
C GLY A 94 -9.25 10.73 13.31
N ILE A 95 -8.36 11.66 12.98
CA ILE A 95 -8.58 13.09 13.16
C ILE A 95 -8.69 13.74 11.79
N TYR A 96 -9.88 14.24 11.46
CA TYR A 96 -10.16 14.80 10.15
C TYR A 96 -10.65 16.23 10.23
N MET A 97 -10.56 16.93 9.11
CA MET A 97 -10.94 18.33 9.02
C MET A 97 -10.29 19.14 10.15
N ASN A 98 -9.00 18.89 10.35
CA ASN A 98 -8.20 19.64 11.32
C ASN A 98 -8.75 19.50 12.74
N GLY A 99 -9.34 18.35 13.03
CA GLY A 99 -9.87 18.06 14.34
C GLY A 99 -11.36 18.24 14.45
N CYS A 100 -11.94 19.03 13.55
CA CYS A 100 -13.37 19.36 13.62
C CYS A 100 -14.24 18.12 13.49
N VAL A 101 -13.69 17.09 12.86
CA VAL A 101 -14.33 15.79 12.80
C VAL A 101 -13.33 14.74 13.24
N THR A 102 -13.39 14.36 14.52
CA THR A 102 -12.52 13.32 15.07
C THR A 102 -13.36 12.11 15.45
N PHE A 103 -12.98 10.95 14.89
CA PHE A 103 -13.69 9.70 15.12
C PHE A 103 -12.94 8.83 16.12
N ASP A 104 -13.68 8.11 16.97
CA ASP A 104 -13.09 7.02 17.72
C ASP A 104 -13.12 5.76 16.84
N GLU A 105 -12.72 4.62 17.39
CA GLU A 105 -12.63 3.40 16.61
C GLU A 105 -14.01 2.90 16.16
N LYS A 106 -15.05 3.36 16.84
CA LYS A 106 -16.42 2.96 16.51
C LYS A 106 -17.05 3.89 15.46
N GLY A 107 -16.25 4.82 14.94
CA GLY A 107 -16.74 5.75 13.94
C GLY A 107 -17.61 6.84 14.54
N SER A 108 -17.61 6.93 15.88
CA SER A 108 -18.37 7.96 16.56
C SER A 108 -17.56 9.24 16.68
N ARG A 109 -18.19 10.37 16.41
CA ARG A 109 -17.50 11.66 16.42
C ARG A 109 -17.29 12.17 17.84
N VAL A 110 -16.08 11.99 18.36
CA VAL A 110 -15.73 12.47 19.68
C VAL A 110 -15.47 13.99 19.65
N ILE A 111 -15.26 14.51 18.44
CA ILE A 111 -15.25 15.95 18.21
C ILE A 111 -16.06 16.23 16.97
N ASP A 112 -17.05 17.12 17.11
CA ASP A 112 -17.94 17.49 16.03
C ASP A 112 -18.16 19.01 16.11
N ARG A 113 -17.29 19.76 15.42
CA ARG A 113 -17.28 21.21 15.53
C ARG A 113 -17.70 21.86 14.22
N ILE A 114 -19.00 22.05 14.05
CA ILE A 114 -19.54 22.68 12.86
C ILE A 114 -19.30 24.17 12.92
N MET A 115 -19.31 24.81 11.75
CA MET A 115 -19.13 26.25 11.66
C MET A 115 -20.47 26.94 11.87
N ASN A 116 -20.47 27.99 12.67
CA ASN A 116 -21.67 28.80 12.90
C ASN A 116 -22.18 29.36 11.58
N ASN A 117 -23.49 29.30 11.37
CA ASN A 117 -24.08 29.65 10.09
C ASN A 117 -23.95 31.13 9.73
N ASP A 118 -24.03 32.01 10.72
CA ASP A 118 -23.84 33.43 10.45
C ASP A 118 -22.42 33.67 9.97
N LEU A 119 -21.46 33.07 10.67
CA LEU A 119 -20.06 33.17 10.30
C LEU A 119 -19.83 32.57 8.92
N LYS A 120 -20.48 31.45 8.65
CA LYS A 120 -20.39 30.78 7.36
C LYS A 120 -20.74 31.75 6.23
N MET A 121 -21.87 32.43 6.37
CA MET A 121 -22.34 33.35 5.33
C MET A 121 -21.46 34.59 5.23
N GLU A 122 -20.92 35.03 6.36
CA GLU A 122 -20.04 36.19 6.36
C GLU A 122 -18.73 35.87 5.64
N ILE A 123 -18.19 34.68 5.90
CA ILE A 123 -17.01 34.22 5.17
C ILE A 123 -17.34 34.13 3.68
N HIS A 124 -18.54 33.64 3.37
CA HIS A 124 -18.95 33.46 1.98
C HIS A 124 -19.08 34.80 1.27
N GLU A 125 -19.78 35.74 1.90
CA GLU A 125 -19.95 37.07 1.34
C GLU A 125 -18.60 37.76 1.18
N PHE A 126 -17.74 37.60 2.18
CA PHE A 126 -16.40 38.18 2.12
C PHE A 126 -15.60 37.61 0.95
N SER A 127 -15.70 36.30 0.75
CA SER A 127 -14.97 35.63 -0.32
C SER A 127 -15.40 36.14 -1.69
N LYS A 128 -16.70 36.34 -1.86
CA LYS A 128 -17.24 36.87 -3.11
C LYS A 128 -16.80 38.32 -3.30
N GLN A 129 -16.77 39.08 -2.21
CA GLN A 129 -16.38 40.49 -2.27
C GLN A 129 -14.94 40.65 -2.74
N ILE A 130 -14.09 39.68 -2.41
CA ILE A 130 -12.68 39.72 -2.82
C ILE A 130 -12.39 38.72 -3.94
N ASN A 131 -13.44 38.07 -4.43
CA ASN A 131 -13.35 37.19 -5.60
C ASN A 131 -12.46 35.97 -5.42
N ILE A 132 -12.53 35.35 -4.24
CA ILE A 132 -11.89 34.05 -4.02
C ILE A 132 -12.95 32.97 -3.82
N SER A 133 -14.21 33.36 -3.99
CA SER A 133 -15.33 32.44 -3.87
C SER A 133 -15.24 31.36 -4.95
N LYS A 134 -14.66 31.72 -6.09
CA LYS A 134 -14.48 30.78 -7.19
C LYS A 134 -13.48 29.69 -6.82
N TYR A 135 -12.63 29.97 -5.84
CA TYR A 135 -11.59 29.03 -5.41
C TYR A 135 -12.01 28.26 -4.17
N ALA A 136 -13.26 28.44 -3.73
CA ALA A 136 -13.73 27.89 -2.47
C ALA A 136 -14.28 26.47 -2.62
N ILE A 137 -13.86 25.60 -1.72
CA ILE A 137 -14.46 24.29 -1.56
C ILE A 137 -15.02 24.19 -0.14
N TRP A 138 -16.33 24.09 -0.02
CA TRP A 138 -17.00 24.00 1.27
C TRP A 138 -17.19 22.54 1.68
N PHE A 139 -16.94 22.25 2.95
CA PHE A 139 -16.97 20.87 3.46
C PHE A 139 -18.16 20.63 4.37
N CYS A 140 -19.09 19.79 3.92
CA CYS A 140 -20.10 19.22 4.79
C CYS A 140 -19.51 17.95 5.38
N LEU A 141 -20.26 17.29 6.25
CA LEU A 141 -19.77 16.07 6.88
C LEU A 141 -19.44 14.99 5.86
N GLU A 142 -20.28 14.87 4.83
CA GLU A 142 -20.23 13.74 3.91
C GLU A 142 -19.81 14.15 2.49
N LYS A 143 -19.96 15.42 2.15
CA LYS A 143 -19.70 15.90 0.80
C LYS A 143 -19.02 17.25 0.78
N THR A 144 -18.36 17.55 -0.34
CA THR A 144 -17.74 18.85 -0.57
C THR A 144 -18.45 19.55 -1.72
N TYR A 145 -18.40 20.87 -1.72
CA TYR A 145 -19.09 21.67 -2.73
C TYR A 145 -18.23 22.84 -3.20
N CYS A 146 -18.43 23.22 -4.46
CA CYS A 146 -17.80 24.42 -5.02
C CYS A 146 -18.82 25.12 -5.89
N PHE A 147 -18.47 26.30 -6.40
CA PHE A 147 -19.40 27.11 -7.18
C PHE A 147 -19.00 27.18 -8.66
N GLU A 148 -17.75 26.84 -8.95
CA GLU A 148 -17.28 26.77 -10.33
C GLU A 148 -16.06 25.85 -10.41
N ILE A 149 -15.63 25.57 -11.63
CA ILE A 149 -14.42 24.79 -11.87
C ILE A 149 -13.45 25.59 -12.72
N ASN A 150 -12.21 25.66 -12.25
CA ASN A 150 -11.14 26.35 -12.95
C ASN A 150 -9.83 25.60 -12.73
N ASP A 151 -8.73 26.15 -13.24
CA ASP A 151 -7.43 25.50 -13.14
C ASP A 151 -7.01 25.25 -11.69
N CYS A 152 -7.50 26.08 -10.77
CA CYS A 152 -7.15 25.94 -9.37
C CYS A 152 -8.04 24.92 -8.66
N ILE A 153 -9.32 24.89 -9.01
CA ILE A 153 -10.21 23.86 -8.49
C ILE A 153 -9.76 22.52 -9.06
N ARG A 154 -9.35 22.52 -10.32
CA ARG A 154 -8.81 21.32 -10.96
C ARG A 154 -7.60 20.80 -10.18
N GLU A 155 -6.68 21.71 -9.86
CA GLU A 155 -5.47 21.33 -9.15
C GLU A 155 -5.80 20.73 -7.79
N TYR A 156 -6.88 21.21 -7.18
CA TYR A 156 -7.33 20.69 -5.88
C TYR A 156 -7.88 19.27 -6.02
N MET A 157 -8.72 19.06 -7.03
CA MET A 157 -9.36 17.77 -7.24
C MET A 157 -8.33 16.67 -7.49
N GLU A 158 -7.29 17.00 -8.24
CA GLU A 158 -6.28 16.04 -8.63
C GLU A 158 -5.52 15.47 -7.42
N VAL A 159 -5.17 16.35 -6.49
CA VAL A 159 -4.41 15.94 -5.31
C VAL A 159 -5.33 15.36 -4.23
N GLU A 160 -6.48 16.01 -4.04
CA GLU A 160 -7.44 15.57 -3.03
C GLU A 160 -8.04 14.22 -3.40
N ALA A 161 -8.14 13.96 -4.70
CA ALA A 161 -8.68 12.71 -5.23
C ALA A 161 -10.14 12.51 -4.85
N LEU A 162 -10.88 13.61 -4.76
CA LEU A 162 -12.31 13.55 -4.50
C LEU A 162 -12.96 14.85 -4.94
N ASN A 163 -13.79 14.79 -5.99
CA ASN A 163 -14.33 15.98 -6.63
C ASN A 163 -15.51 16.58 -5.87
N PRO A 164 -15.52 17.91 -5.69
CA PRO A 164 -16.72 18.55 -5.12
C PRO A 164 -17.84 18.66 -6.14
N ASP A 165 -19.08 18.54 -5.70
CA ASP A 165 -20.22 18.77 -6.56
C ASP A 165 -20.43 20.27 -6.75
N VAL A 166 -20.68 20.69 -7.98
CA VAL A 166 -20.90 22.10 -8.27
C VAL A 166 -22.34 22.50 -7.90
N ILE A 167 -22.47 23.63 -7.23
CA ILE A 167 -23.77 24.13 -6.80
C ILE A 167 -23.85 25.64 -6.99
N GLU A 168 -25.07 26.16 -6.94
CA GLU A 168 -25.29 27.60 -7.07
C GLU A 168 -24.95 28.32 -5.78
N ASP A 169 -24.82 29.64 -5.86
CA ASP A 169 -24.37 30.45 -4.75
C ASP A 169 -25.39 30.47 -3.61
N ASN A 170 -26.67 30.38 -3.96
CA ASN A 170 -27.74 30.49 -2.98
C ASN A 170 -27.88 29.24 -2.12
N MET A 171 -27.24 28.16 -2.56
CA MET A 171 -27.42 26.86 -1.92
C MET A 171 -26.59 26.73 -0.64
N LEU A 172 -25.56 27.56 -0.49
CA LEU A 172 -24.64 27.43 0.64
C LEU A 172 -25.36 27.65 1.97
N GLU A 173 -26.35 28.53 1.97
CA GLU A 173 -27.05 28.90 3.19
C GLU A 173 -27.68 27.68 3.86
N GLY A 174 -28.15 26.74 3.05
CA GLY A 174 -28.82 25.56 3.57
C GLY A 174 -27.89 24.46 4.05
N LEU A 175 -26.60 24.60 3.76
CA LEU A 175 -25.61 23.58 4.09
C LEU A 175 -25.03 23.75 5.50
N THR A 176 -24.88 22.65 6.20
CA THR A 176 -24.20 22.63 7.49
C THR A 176 -22.74 22.24 7.24
N VAL A 177 -21.84 23.20 7.41
CA VAL A 177 -20.44 23.03 7.03
C VAL A 177 -19.50 22.98 8.23
N TYR A 178 -18.31 22.40 8.00
CA TYR A 178 -17.28 22.31 9.04
C TYR A 178 -16.10 23.20 8.70
N LYS A 179 -15.84 23.40 7.41
CA LYS A 179 -14.74 24.24 6.97
C LYS A 179 -14.91 24.67 5.53
N VAL A 180 -14.07 25.61 5.13
CA VAL A 180 -13.94 25.98 3.73
C VAL A 180 -12.47 25.95 3.38
N LEU A 181 -12.16 25.42 2.21
CA LEU A 181 -10.79 25.38 1.70
C LEU A 181 -10.74 26.21 0.44
N PHE A 182 -9.86 27.20 0.43
CA PHE A 182 -9.63 28.01 -0.74
C PHE A 182 -8.39 27.51 -1.46
N SER A 183 -8.59 26.94 -2.64
CA SER A 183 -7.49 26.53 -3.50
C SER A 183 -7.07 27.73 -4.34
N LEU A 184 -6.20 28.56 -3.79
CA LEU A 184 -5.89 29.85 -4.40
C LEU A 184 -4.72 29.78 -5.38
N PRO A 185 -4.71 30.68 -6.37
CA PRO A 185 -3.50 30.89 -7.17
C PRO A 185 -2.34 31.27 -6.27
N GLU A 186 -1.12 30.87 -6.63
CA GLU A 186 0.05 31.18 -5.81
C GLU A 186 0.30 32.69 -5.78
N ASN A 187 -0.19 33.40 -6.79
CA ASN A 187 0.08 34.83 -6.93
C ASN A 187 -0.79 35.72 -6.05
N ILE A 188 -1.72 35.12 -5.31
CA ILE A 188 -2.55 35.88 -4.37
C ILE A 188 -2.69 35.16 -3.02
N LEU A 189 -1.81 34.19 -2.78
CA LEU A 189 -1.82 33.46 -1.52
C LEU A 189 -1.53 34.39 -0.34
N GLU A 190 -0.36 35.01 -0.37
CA GLU A 190 0.13 35.82 0.74
C GLU A 190 -0.85 36.93 1.13
N ASN A 191 -1.30 37.71 0.15
CA ASN A 191 -2.19 38.82 0.42
CA ASN A 191 -2.20 38.84 0.40
C ASN A 191 -3.56 38.36 0.91
N THR A 192 -4.10 37.33 0.27
CA THR A 192 -5.40 36.78 0.65
C THR A 192 -5.34 36.25 2.08
N LEU A 193 -4.18 35.72 2.45
CA LEU A 193 -3.96 35.19 3.78
C LEU A 193 -4.01 36.31 4.83
N LYS A 194 -3.49 37.48 4.48
CA LYS A 194 -3.52 38.64 5.37
C LYS A 194 -4.95 39.11 5.59
N LEU A 195 -5.69 39.23 4.50
CA LEU A 195 -7.07 39.74 4.54
C LEU A 195 -7.96 38.85 5.39
N CYS A 196 -7.84 37.54 5.24
CA CYS A 196 -8.64 36.60 6.01
C CYS A 196 -8.30 36.68 7.50
N ARG A 197 -7.02 36.76 7.81
CA ARG A 197 -6.58 36.79 9.20
C ARG A 197 -6.93 38.11 9.87
N GLU A 198 -6.91 39.19 9.10
CA GLU A 198 -7.29 40.50 9.62
C GLU A 198 -8.80 40.55 9.84
N LYS A 199 -9.54 40.00 8.88
CA LYS A 199 -10.99 40.06 8.89
C LYS A 199 -11.58 39.11 9.94
N PHE A 200 -10.91 37.98 10.17
CA PHE A 200 -11.48 36.91 10.99
C PHE A 200 -10.59 36.45 12.14
N SER A 201 -9.86 37.36 12.76
CA SER A 201 -9.10 37.02 13.97
C SER A 201 -10.07 36.86 15.14
N HIS A 202 -9.80 35.89 16.01
CA HIS A 202 -10.67 35.59 17.14
C HIS A 202 -12.09 35.25 16.69
N ARG A 203 -12.22 34.76 15.46
CA ARG A 203 -13.50 34.33 14.92
C ARG A 203 -13.39 32.93 14.36
N ILE A 204 -12.29 32.65 13.67
CA ILE A 204 -12.09 31.36 13.03
C ILE A 204 -10.61 31.12 12.77
N ASN A 205 -10.19 29.86 12.77
CA ASN A 205 -8.82 29.51 12.44
C ASN A 205 -8.54 29.75 10.97
N VAL A 206 -7.39 30.31 10.67
CA VAL A 206 -6.95 30.53 9.29
C VAL A 206 -5.56 29.94 9.17
N ALA A 207 -5.42 28.95 8.29
CA ALA A 207 -4.17 28.23 8.15
C ALA A 207 -3.84 27.92 6.68
N ASN A 208 -2.59 28.18 6.32
CA ASN A 208 -2.04 27.75 5.05
C ASN A 208 -1.51 26.32 5.22
N THR A 209 -2.34 25.36 4.86
CA THR A 209 -2.12 23.96 5.21
C THR A 209 -1.22 23.20 4.25
N PHE A 210 -1.36 23.48 2.96
CA PHE A 210 -0.66 22.71 1.93
C PHE A 210 -0.63 23.49 0.62
N GLN A 211 0.56 23.70 0.10
CA GLN A 211 0.75 24.48 -1.12
C GLN A 211 0.11 25.86 -0.98
N SER A 212 -0.93 26.14 -1.77
CA SER A 212 -1.62 27.42 -1.72
C SER A 212 -3.04 27.25 -1.19
N TYR A 213 -3.24 26.22 -0.37
CA TYR A 213 -4.54 26.01 0.26
C TYR A 213 -4.68 26.91 1.47
N VAL A 214 -5.83 27.58 1.57
CA VAL A 214 -6.17 28.36 2.75
C VAL A 214 -7.45 27.78 3.34
N GLU A 215 -7.34 27.23 4.55
CA GLU A 215 -8.47 26.58 5.20
C GLU A 215 -8.98 27.37 6.39
N LEU A 216 -10.31 27.49 6.49
CA LEU A 216 -10.95 28.16 7.60
C LEU A 216 -11.84 27.17 8.36
N PHE A 217 -11.65 27.07 9.68
CA PHE A 217 -12.39 26.12 10.49
C PHE A 217 -12.48 26.58 11.96
N HIS A 218 -13.35 25.93 12.72
CA HIS A 218 -13.66 26.31 14.10
C HIS A 218 -12.47 26.84 14.89
N GLN A 219 -12.65 28.04 15.44
CA GLN A 219 -11.58 28.77 16.12
C GLN A 219 -10.90 27.99 17.24
N HIS A 220 -11.70 27.26 18.02
CA HIS A 220 -11.19 26.57 19.21
C HIS A 220 -10.95 25.09 18.96
N THR A 221 -10.71 24.75 17.69
CA THR A 221 -10.42 23.37 17.32
C THR A 221 -9.16 23.32 16.48
N ASN A 222 -8.44 22.22 16.62
CA ASN A 222 -7.26 21.94 15.82
C ASN A 222 -6.95 20.47 15.97
N LYS A 223 -5.89 20.01 15.33
CA LYS A 223 -5.55 18.59 15.35
C LYS A 223 -5.23 18.12 16.77
N PHE A 224 -4.65 19.00 17.58
CA PHE A 224 -4.22 18.61 18.92
C PHE A 224 -5.41 18.28 19.82
N GLU A 225 -6.54 18.94 19.59
CA GLU A 225 -7.76 18.60 20.31
C GLU A 225 -8.17 17.17 20.01
N GLY A 226 -7.97 16.75 18.76
CA GLY A 226 -8.24 15.38 18.38
C GLY A 226 -7.29 14.42 19.07
N VAL A 227 -6.03 14.82 19.15
CA VAL A 227 -5.00 14.01 19.80
C VAL A 227 -5.37 13.74 21.25
N LYS A 228 -5.80 14.78 21.96
CA LYS A 228 -6.16 14.63 23.36
C LYS A 228 -7.32 13.64 23.55
N GLU A 229 -8.32 13.73 22.68
CA GLU A 229 -9.51 12.88 22.80
C GLU A 229 -9.20 11.41 22.52
N ILE A 230 -8.35 11.16 21.52
CA ILE A 230 -7.99 9.80 21.15
C ILE A 230 -7.05 9.17 22.18
N CYS A 231 -6.12 9.96 22.71
CA CYS A 231 -5.25 9.49 23.78
C CYS A 231 -6.08 9.12 25.01
N LYS A 232 -7.09 9.94 25.29
CA LYS A 232 -7.96 9.73 26.43
C LYS A 232 -8.76 8.45 26.27
N TYR A 233 -9.19 8.17 25.05
CA TYR A 233 -9.96 6.97 24.75
C TYR A 233 -9.21 5.72 25.19
N TYR A 234 -7.94 5.63 24.80
CA TYR A 234 -7.12 4.45 25.09
C TYR A 234 -6.31 4.54 26.38
N ASN A 235 -6.66 5.47 27.24
CA ASN A 235 -5.95 5.68 28.50
C ASN A 235 -4.45 5.83 28.30
N ILE A 236 -4.08 6.55 27.24
CA ILE A 236 -2.68 6.82 26.95
C ILE A 236 -2.36 8.24 27.38
N SER A 237 -1.36 8.39 28.23
CA SER A 237 -0.86 9.70 28.61
C SER A 237 -0.26 10.39 27.39
N LEU A 238 -0.38 11.70 27.31
CA LEU A 238 0.18 12.45 26.20
C LEU A 238 1.69 12.22 26.09
N ASN A 239 2.31 11.92 27.23
CA ASN A 239 3.74 11.68 27.27
C ASN A 239 4.15 10.40 26.55
N ASN A 240 3.16 9.56 26.24
CA ASN A 240 3.39 8.32 25.51
C ASN A 240 2.87 8.42 24.08
N ALA A 241 2.59 9.65 23.64
CA ALA A 241 2.13 9.90 22.27
C ALA A 241 3.17 10.70 21.50
N LEU A 242 3.14 10.58 20.18
CA LEU A 242 4.05 11.30 19.31
C LEU A 242 3.28 11.83 18.11
N ALA A 243 3.58 13.07 17.72
CA ALA A 243 2.91 13.69 16.59
C ALA A 243 3.95 14.09 15.56
N MET A 244 3.60 13.92 14.29
CA MET A 244 4.48 14.35 13.21
C MET A 244 3.67 15.02 12.10
N GLY A 245 4.22 16.11 11.57
CA GLY A 245 3.55 16.89 10.55
C GLY A 245 4.51 17.83 9.86
N ASP A 246 3.98 18.62 8.93
CA ASP A 246 4.79 19.51 8.12
C ASP A 246 4.17 20.90 7.93
N GLY A 247 2.89 21.03 8.26
CA GLY A 247 2.13 22.23 7.93
C GLY A 247 1.70 23.05 9.13
N GLU A 248 1.14 24.23 8.82
CA GLU A 248 0.69 25.17 9.84
C GLU A 248 -0.35 24.55 10.76
N ASN A 249 -1.22 23.72 10.18
CA ASN A 249 -2.29 23.07 10.93
C ASN A 249 -1.80 21.87 11.78
N ASP A 250 -0.49 21.70 11.86
CA ASP A 250 0.13 20.69 12.71
C ASP A 250 0.79 21.32 13.94
N ILE A 251 0.99 22.63 13.91
CA ILE A 251 1.70 23.34 14.96
C ILE A 251 1.17 23.04 16.36
N GLU A 252 -0.15 23.01 16.52
CA GLU A 252 -0.74 22.79 17.84
C GLU A 252 -0.39 21.42 18.42
N MET A 253 -0.42 20.38 17.59
CA MET A 253 -0.16 19.03 18.11
C MET A 253 1.34 18.76 18.24
N LEU A 254 2.15 19.47 17.46
CA LEU A 254 3.60 19.36 17.58
C LEU A 254 4.12 20.03 18.84
N SER A 255 3.54 21.17 19.22
CA SER A 255 3.98 21.89 20.40
C SER A 255 3.24 21.41 21.65
N GLY A 256 2.11 20.73 21.45
CA GLY A 256 1.30 20.26 22.56
C GLY A 256 1.83 18.99 23.19
N LEU A 257 2.56 18.20 22.41
CA LEU A 257 3.15 16.95 22.91
C LEU A 257 4.62 17.12 23.21
N THR A 258 5.12 16.35 24.18
CA THR A 258 6.54 16.39 24.53
C THR A 258 7.38 15.83 23.39
N HIS A 259 6.86 14.79 22.75
CA HIS A 259 7.57 14.14 21.64
C HIS A 259 6.84 14.45 20.35
N SER A 260 7.50 15.20 19.47
CA SER A 260 6.92 15.52 18.18
C SER A 260 8.03 15.72 17.15
N VAL A 261 7.72 15.42 15.90
CA VAL A 261 8.70 15.44 14.82
C VAL A 261 8.22 16.30 13.67
N GLY A 262 8.97 17.35 13.37
CA GLY A 262 8.75 18.12 12.17
C GLY A 262 9.59 17.52 11.06
N VAL A 263 8.95 17.08 9.98
CA VAL A 263 9.68 16.55 8.83
C VAL A 263 10.51 17.65 8.20
N HIS A 264 11.60 17.27 7.54
CA HIS A 264 12.59 18.22 7.03
C HIS A 264 11.98 19.23 6.05
N ASN A 265 10.99 18.79 5.28
CA ASN A 265 10.38 19.65 4.27
C ASN A 265 9.47 20.73 4.87
N ALA A 266 9.26 20.66 6.19
CA ALA A 266 8.42 21.63 6.88
C ALA A 266 9.10 23.00 6.92
N SER A 267 8.30 24.04 7.11
CA SER A 267 8.84 25.39 7.24
C SER A 267 9.51 25.55 8.59
N GLU A 268 10.16 26.70 8.80
CA GLU A 268 10.89 26.94 10.04
C GLU A 268 9.95 27.14 11.22
N LYS A 269 8.81 27.79 10.99
CA LYS A 269 7.83 27.98 12.05
C LYS A 269 7.30 26.64 12.55
N VAL A 270 7.09 25.71 11.62
CA VAL A 270 6.58 24.38 11.96
C VAL A 270 7.62 23.59 12.73
N LYS A 271 8.87 23.62 12.25
CA LYS A 271 9.96 22.90 12.89
C LYS A 271 10.19 23.40 14.32
N ASN A 272 10.11 24.71 14.52
CA ASN A 272 10.35 25.32 15.83
C ASN A 272 9.30 24.89 16.86
N SER A 273 8.11 24.54 16.39
CA SER A 273 7.04 24.11 17.28
C SER A 273 7.20 22.63 17.65
N ALA A 274 8.02 21.91 16.90
CA ALA A 274 8.24 20.50 17.14
C ALA A 274 9.43 20.25 18.06
N ALA A 275 9.39 19.15 18.80
CA ALA A 275 10.49 18.77 19.68
C ALA A 275 11.71 18.34 18.87
N TYR A 276 11.46 17.67 17.76
CA TYR A 276 12.51 17.06 16.96
C TYR A 276 12.32 17.37 15.49
N VAL A 277 13.41 17.24 14.73
CA VAL A 277 13.35 17.39 13.28
C VAL A 277 13.77 16.07 12.63
N GLY A 278 12.93 15.56 11.74
CA GLY A 278 13.16 14.27 11.11
C GLY A 278 13.37 14.37 9.61
N PRO A 279 13.43 13.22 8.93
CA PRO A 279 13.59 13.18 7.48
C PRO A 279 12.39 13.79 6.77
N SER A 280 12.54 14.09 5.49
CA SER A 280 11.43 14.61 4.70
C SER A 280 10.42 13.51 4.43
N ASN A 281 9.27 13.90 3.90
CA ASN A 281 8.22 12.94 3.56
C ASN A 281 8.63 12.02 2.41
N ASN A 282 9.64 12.43 1.66
CA ASN A 282 10.19 11.60 0.58
C ASN A 282 11.28 10.67 1.08
N GLU A 283 11.56 10.73 2.39
CA GLU A 283 12.64 9.96 2.98
C GLU A 283 12.12 9.03 4.09
N HIS A 284 10.91 8.53 3.90
CA HIS A 284 10.35 7.48 4.76
C HIS A 284 10.27 7.91 6.22
N ALA A 285 9.62 9.04 6.46
CA ALA A 285 9.61 9.69 7.77
C ALA A 285 9.16 8.77 8.91
N ILE A 286 8.00 8.15 8.78
CA ILE A 286 7.43 7.39 9.87
C ILE A 286 8.22 6.11 10.15
N SER A 287 8.90 5.61 9.12
CA SER A 287 9.74 4.43 9.26
C SER A 287 10.85 4.71 10.27
N HIS A 288 11.50 5.86 10.13
CA HIS A 288 12.60 6.21 11.02
C HIS A 288 12.10 6.63 12.39
N VAL A 289 10.90 7.20 12.45
CA VAL A 289 10.28 7.54 13.73
C VAL A 289 10.02 6.26 14.52
N LEU A 290 9.47 5.26 13.85
CA LEU A 290 9.19 3.98 14.48
C LEU A 290 10.48 3.28 14.93
N LYS A 291 11.55 3.47 14.16
CA LYS A 291 12.84 2.89 14.51
C LYS A 291 13.40 3.52 15.77
N THR A 292 13.48 4.84 15.79
CA THR A 292 14.12 5.56 16.88
C THR A 292 13.33 5.46 18.17
N PHE A 293 12.00 5.60 18.08
CA PHE A 293 11.16 5.74 19.26
C PHE A 293 10.58 4.44 19.77
N CYS A 294 10.37 3.48 18.88
CA CYS A 294 9.74 2.21 19.23
C CYS A 294 10.63 1.00 18.98
N ASP A 295 11.86 1.26 18.51
CA ASP A 295 12.80 0.19 18.21
C ASP A 295 12.19 -0.78 17.19
N ILE A 296 11.68 -0.23 16.09
CA ILE A 296 11.03 -1.01 15.05
C ILE A 296 9.79 -1.71 15.60
N GLU B 28 -19.71 -15.92 -22.29
CA GLU B 28 -18.52 -15.58 -23.08
C GLU B 28 -17.31 -15.40 -22.17
N ILE B 29 -16.12 -15.59 -22.73
CA ILE B 29 -14.87 -15.41 -22.01
C ILE B 29 -14.38 -13.97 -22.17
N LYS B 30 -14.32 -13.24 -21.06
CA LYS B 30 -13.88 -11.85 -21.07
C LYS B 30 -12.41 -11.71 -20.69
N ILE B 31 -11.86 -12.74 -20.06
CA ILE B 31 -10.49 -12.68 -19.55
C ILE B 31 -9.86 -14.07 -19.48
N ILE B 32 -8.55 -14.12 -19.68
CA ILE B 32 -7.82 -15.38 -19.65
C ILE B 32 -6.64 -15.30 -18.67
N PHE B 33 -6.50 -16.35 -17.87
CA PHE B 33 -5.36 -16.49 -16.96
C PHE B 33 -4.52 -17.68 -17.41
N THR B 34 -3.20 -17.49 -17.47
CA THR B 34 -2.33 -18.55 -17.96
C THR B 34 -1.04 -18.63 -17.17
N ASP B 35 -0.58 -19.86 -16.94
CA ASP B 35 0.71 -20.08 -16.34
C ASP B 35 1.77 -19.72 -17.37
N LEU B 36 2.99 -19.49 -16.92
CA LEU B 36 4.07 -19.09 -17.81
C LEU B 36 4.85 -20.32 -18.28
N ASP B 37 5.60 -20.91 -17.36
CA ASP B 37 6.42 -22.06 -17.69
C ASP B 37 5.55 -23.28 -17.99
N GLY B 38 5.88 -23.98 -19.07
CA GLY B 38 5.20 -25.21 -19.44
C GLY B 38 3.80 -25.01 -19.99
N THR B 39 3.42 -23.75 -20.20
CA THR B 39 2.09 -23.42 -20.72
C THR B 39 2.20 -22.39 -21.84
N LEU B 40 2.45 -21.13 -21.47
CA LEU B 40 2.67 -20.08 -22.45
C LEU B 40 4.03 -20.27 -23.11
N LEU B 41 5.02 -20.60 -22.29
CA LEU B 41 6.37 -20.87 -22.76
C LEU B 41 6.49 -22.30 -23.26
N ASN B 42 7.02 -22.48 -24.47
CA ASN B 42 7.25 -23.81 -25.01
C ASN B 42 8.37 -24.53 -24.26
N SER B 43 8.71 -25.74 -24.70
CA SER B 43 9.73 -26.54 -24.03
C SER B 43 11.08 -25.85 -24.03
N GLU B 44 11.26 -24.87 -24.91
CA GLU B 44 12.49 -24.10 -24.99
C GLU B 44 12.39 -22.80 -24.19
N ASN B 45 11.35 -22.71 -23.35
CA ASN B 45 11.13 -21.52 -22.51
C ASN B 45 11.04 -20.23 -23.33
N LYS B 46 10.42 -20.32 -24.50
CA LYS B 46 10.17 -19.16 -25.35
C LYS B 46 8.69 -19.10 -25.70
N VAL B 47 8.24 -17.91 -26.11
CA VAL B 47 6.87 -17.74 -26.58
C VAL B 47 6.85 -17.75 -28.10
N SER B 48 6.09 -18.68 -28.67
CA SER B 48 5.99 -18.80 -30.12
C SER B 48 5.45 -17.52 -30.73
N GLU B 49 5.84 -17.27 -31.98
CA GLU B 49 5.35 -16.10 -32.71
C GLU B 49 3.84 -16.21 -32.93
N GLN B 50 3.36 -17.45 -33.06
CA GLN B 50 1.94 -17.69 -33.23
C GLN B 50 1.18 -17.31 -31.95
N ASN B 51 1.80 -17.55 -30.80
CA ASN B 51 1.22 -17.11 -29.53
C ASN B 51 1.27 -15.59 -29.43
N LEU B 52 2.42 -15.01 -29.77
CA LEU B 52 2.60 -13.56 -29.69
C LEU B 52 1.61 -12.84 -30.58
N GLU B 53 1.42 -13.35 -31.79
CA GLU B 53 0.50 -12.74 -32.74
C GLU B 53 -0.93 -12.79 -32.19
N SER B 54 -1.26 -13.89 -31.54
CA SER B 54 -2.60 -14.08 -30.98
C SER B 54 -2.83 -13.16 -29.79
N LEU B 55 -1.79 -12.96 -28.99
CA LEU B 55 -1.88 -12.09 -27.81
C LEU B 55 -2.13 -10.64 -28.22
N ILE B 56 -1.56 -10.25 -29.37
CA ILE B 56 -1.76 -8.90 -29.89
C ILE B 56 -3.22 -8.71 -30.29
N ARG B 57 -3.77 -9.71 -31.00
CA ARG B 57 -5.16 -9.64 -31.43
C ARG B 57 -6.11 -9.63 -30.24
N ALA B 58 -5.76 -10.38 -29.21
CA ALA B 58 -6.60 -10.47 -28.01
C ALA B 58 -6.71 -9.12 -27.31
N GLN B 59 -5.58 -8.43 -27.16
CA GLN B 59 -5.57 -7.14 -26.49
C GLN B 59 -6.28 -6.09 -27.33
N GLU B 60 -6.16 -6.22 -28.65
CA GLU B 60 -6.85 -5.32 -29.57
C GLU B 60 -8.37 -5.51 -29.46
N LYS B 61 -8.78 -6.71 -29.07
CA LYS B 61 -10.19 -7.03 -28.90
C LYS B 61 -10.67 -6.75 -27.48
N GLY B 62 -9.74 -6.36 -26.62
CA GLY B 62 -10.06 -6.02 -25.24
C GLY B 62 -10.08 -7.22 -24.32
N ILE B 63 -9.58 -8.35 -24.80
CA ILE B 63 -9.50 -9.56 -23.99
C ILE B 63 -8.18 -9.57 -23.21
N LYS B 64 -8.29 -9.47 -21.89
CA LYS B 64 -7.11 -9.46 -21.03
C LYS B 64 -6.50 -10.85 -20.91
N VAL B 65 -5.17 -10.91 -21.04
CA VAL B 65 -4.42 -12.13 -20.78
C VAL B 65 -3.50 -11.88 -19.59
N VAL B 66 -3.66 -12.69 -18.56
CA VAL B 66 -3.00 -12.46 -17.28
C VAL B 66 -2.09 -13.63 -16.89
N ILE B 67 -0.82 -13.33 -16.66
CA ILE B 67 0.13 -14.33 -16.23
C ILE B 67 -0.16 -14.74 -14.79
N ALA B 68 -0.15 -16.04 -14.53
CA ALA B 68 -0.31 -16.58 -13.18
C ALA B 68 0.80 -17.59 -12.92
N THR B 69 1.85 -17.15 -12.25
CA THR B 69 3.07 -17.96 -12.09
C THR B 69 3.58 -17.97 -10.66
N GLY B 70 4.47 -18.92 -10.37
CA GLY B 70 5.13 -18.99 -9.08
C GLY B 70 6.37 -18.11 -9.03
N ARG B 71 6.77 -17.62 -10.19
CA ARG B 71 7.90 -16.71 -10.30
C ARG B 71 7.52 -15.35 -9.73
N SER B 72 8.54 -14.55 -9.40
CA SER B 72 8.32 -13.15 -9.07
C SER B 72 8.21 -12.37 -10.37
N ILE B 73 7.63 -11.18 -10.31
CA ILE B 73 7.46 -10.37 -11.50
C ILE B 73 8.82 -10.05 -12.14
N PHE B 74 9.86 -9.98 -11.32
CA PHE B 74 11.21 -9.70 -11.82
C PHE B 74 11.81 -10.93 -12.50
N SER B 75 11.45 -12.11 -12.02
CA SER B 75 11.90 -13.35 -12.63
C SER B 75 11.21 -13.56 -13.97
N VAL B 76 10.00 -13.01 -14.09
CA VAL B 76 9.26 -13.08 -15.34
C VAL B 76 9.86 -12.13 -16.38
N GLU B 77 10.27 -10.94 -15.94
CA GLU B 77 10.91 -9.97 -16.82
C GLU B 77 12.27 -10.48 -17.28
N ASN B 78 12.82 -11.45 -16.55
CA ASN B 78 14.13 -12.00 -16.87
C ASN B 78 14.04 -13.07 -17.97
N VAL B 79 12.85 -13.65 -18.13
CA VAL B 79 12.66 -14.72 -19.11
C VAL B 79 11.95 -14.24 -20.38
N ILE B 80 10.99 -13.34 -20.24
CA ILE B 80 10.24 -12.82 -21.40
C ILE B 80 10.28 -11.30 -21.46
N GLY B 81 11.36 -10.71 -20.95
CA GLY B 81 11.50 -9.27 -20.91
C GLY B 81 11.40 -8.61 -22.28
N GLU B 82 11.89 -9.29 -23.29
CA GLU B 82 11.82 -8.79 -24.66
C GLU B 82 10.38 -8.46 -25.05
N HIS B 83 9.47 -9.36 -24.69
CA HIS B 83 8.06 -9.20 -25.01
C HIS B 83 7.39 -8.14 -24.15
N VAL B 84 7.92 -7.93 -22.96
CA VAL B 84 7.39 -6.89 -22.07
C VAL B 84 7.86 -5.52 -22.54
N LYS B 85 9.13 -5.42 -22.90
CA LYS B 85 9.69 -4.17 -23.40
C LYS B 85 8.95 -3.72 -24.66
N LYS B 86 8.65 -4.67 -25.53
CA LYS B 86 7.95 -4.39 -26.78
C LYS B 86 6.44 -4.37 -26.60
N ASN B 87 5.99 -4.39 -25.35
CA ASN B 87 4.56 -4.29 -25.02
C ASN B 87 3.71 -5.32 -25.76
N ARG B 88 4.23 -6.54 -25.86
CA ARG B 88 3.52 -7.64 -26.51
C ARG B 88 2.93 -8.59 -25.47
N ILE B 89 3.39 -8.46 -24.23
CA ILE B 89 2.83 -9.20 -23.10
C ILE B 89 2.76 -8.29 -21.90
N SER B 90 1.58 -8.21 -21.29
CA SER B 90 1.35 -7.34 -20.15
C SER B 90 1.57 -8.10 -18.84
N LEU B 91 2.38 -7.52 -17.96
CA LEU B 91 2.63 -8.10 -16.64
C LEU B 91 1.65 -7.56 -15.61
N LEU B 92 1.07 -6.40 -15.92
CA LEU B 92 0.07 -5.78 -15.06
C LEU B 92 -1.26 -5.69 -15.80
N PRO B 93 -2.32 -6.32 -15.28
CA PRO B 93 -2.37 -7.11 -14.04
C PRO B 93 -1.63 -8.44 -14.17
N GLY B 94 -1.28 -9.03 -13.03
CA GLY B 94 -0.58 -10.29 -13.02
C GLY B 94 -0.60 -10.95 -11.66
N ILE B 95 -0.42 -12.26 -11.64
CA ILE B 95 -0.40 -13.03 -10.41
C ILE B 95 0.97 -13.70 -10.29
N TYR B 96 1.68 -13.37 -9.21
CA TYR B 96 3.07 -13.82 -9.02
C TYR B 96 3.27 -14.46 -7.65
N MET B 97 4.34 -15.25 -7.54
CA MET B 97 4.61 -16.03 -6.33
C MET B 97 3.39 -16.82 -5.91
N ASN B 98 2.78 -17.49 -6.89
CA ASN B 98 1.62 -18.35 -6.65
C ASN B 98 0.45 -17.65 -5.96
N GLY B 99 0.40 -16.32 -6.09
CA GLY B 99 -0.70 -15.54 -5.55
C GLY B 99 -0.30 -14.59 -4.44
N CYS B 100 0.86 -14.82 -3.83
CA CYS B 100 1.34 -13.99 -2.73
C CYS B 100 1.39 -12.51 -3.11
N VAL B 101 1.79 -12.26 -4.35
CA VAL B 101 1.86 -10.90 -4.89
C VAL B 101 1.05 -10.83 -6.17
N THR B 102 -0.14 -10.23 -6.08
CA THR B 102 -0.99 -10.01 -7.25
C THR B 102 -1.15 -8.52 -7.50
N PHE B 103 -0.82 -8.09 -8.71
CA PHE B 103 -0.96 -6.69 -9.11
C PHE B 103 -2.23 -6.47 -9.90
N ASP B 104 -2.82 -5.28 -9.79
CA ASP B 104 -3.86 -4.87 -10.72
C ASP B 104 -3.20 -4.18 -11.91
N GLU B 105 -3.99 -3.63 -12.81
CA GLU B 105 -3.46 -3.02 -14.02
C GLU B 105 -2.57 -1.82 -13.70
N LYS B 106 -2.84 -1.14 -12.59
CA LYS B 106 -2.13 0.07 -12.22
C LYS B 106 -0.89 -0.21 -11.38
N GLY B 107 -0.70 -1.46 -10.99
CA GLY B 107 0.48 -1.86 -10.24
C GLY B 107 0.26 -1.88 -8.74
N SER B 108 -0.99 -1.73 -8.33
CA SER B 108 -1.34 -1.84 -6.92
C SER B 108 -1.38 -3.31 -6.55
N ARG B 109 -0.74 -3.67 -5.44
CA ARG B 109 -0.67 -5.06 -5.02
C ARG B 109 -1.94 -5.47 -4.26
N VAL B 110 -2.98 -5.81 -5.02
CA VAL B 110 -4.28 -6.15 -4.43
C VAL B 110 -4.18 -7.37 -3.50
N ILE B 111 -3.23 -8.25 -3.78
CA ILE B 111 -2.83 -9.27 -2.82
C ILE B 111 -1.36 -9.05 -2.52
N ASP B 112 -1.04 -8.97 -1.22
CA ASP B 112 0.31 -8.65 -0.77
C ASP B 112 0.60 -9.41 0.52
N ARG B 113 0.66 -10.74 0.42
CA ARG B 113 0.79 -11.60 1.59
C ARG B 113 2.19 -11.58 2.19
N ILE B 114 2.56 -10.43 2.75
CA ILE B 114 3.82 -10.32 3.47
C ILE B 114 3.78 -11.24 4.69
N MET B 115 4.88 -11.94 4.94
CA MET B 115 4.95 -12.85 6.06
C MET B 115 5.12 -12.07 7.36
N ASN B 116 4.39 -12.47 8.39
CA ASN B 116 4.54 -11.90 9.73
C ASN B 116 6.00 -12.01 10.16
N ASN B 117 6.55 -10.90 10.64
CA ASN B 117 7.99 -10.83 10.91
C ASN B 117 8.46 -11.68 12.09
N ASP B 118 7.57 -11.92 13.05
CA ASP B 118 7.90 -12.81 14.16
C ASP B 118 7.93 -14.25 13.65
N LEU B 119 6.96 -14.58 12.79
CA LEU B 119 6.90 -15.92 12.20
C LEU B 119 8.13 -16.14 11.33
N LYS B 120 8.53 -15.10 10.61
CA LYS B 120 9.74 -15.13 9.79
C LYS B 120 10.94 -15.53 10.62
N MET B 121 11.13 -14.86 11.76
CA MET B 121 12.28 -15.13 12.62
C MET B 121 12.16 -16.49 13.31
N GLU B 122 10.94 -16.92 13.57
CA GLU B 122 10.72 -18.25 14.13
C GLU B 122 11.19 -19.30 13.14
N ILE B 123 10.78 -19.15 11.88
CA ILE B 123 11.16 -20.07 10.83
C ILE B 123 12.68 -20.05 10.67
N HIS B 124 13.24 -18.84 10.67
CA HIS B 124 14.67 -18.67 10.52
C HIS B 124 15.45 -19.40 11.62
N GLU B 125 15.07 -19.19 12.87
CA GLU B 125 15.77 -19.81 13.99
C GLU B 125 15.62 -21.32 13.94
N PHE B 126 14.42 -21.78 13.59
CA PHE B 126 14.16 -23.20 13.43
C PHE B 126 15.06 -23.78 12.33
N SER B 127 15.20 -23.03 11.23
CA SER B 127 16.00 -23.49 10.10
C SER B 127 17.46 -23.68 10.50
N LYS B 128 17.96 -22.82 11.37
CA LYS B 128 19.33 -22.95 11.86
C LYS B 128 19.44 -24.16 12.78
N GLN B 129 18.42 -24.37 13.61
CA GLN B 129 18.42 -25.48 14.57
C GLN B 129 18.52 -26.85 13.89
N ILE B 130 17.83 -27.00 12.76
CA ILE B 130 17.87 -28.26 12.01
C ILE B 130 18.76 -28.15 10.77
N ASN B 131 19.66 -27.18 10.79
CA ASN B 131 20.73 -27.07 9.79
C ASN B 131 20.27 -27.09 8.33
N ILE B 132 19.32 -26.23 8.00
CA ILE B 132 18.87 -26.07 6.62
C ILE B 132 18.93 -24.59 6.18
N SER B 133 19.38 -23.72 7.08
CA SER B 133 19.53 -22.31 6.75
CA SER B 133 19.52 -22.31 6.74
C SER B 133 20.50 -22.15 5.58
N LYS B 134 21.45 -23.10 5.49
CA LYS B 134 22.43 -23.13 4.40
C LYS B 134 21.76 -23.20 3.04
N TYR B 135 20.54 -23.73 3.02
CA TYR B 135 19.81 -23.95 1.78
C TYR B 135 18.64 -23.00 1.64
N ALA B 136 18.61 -21.97 2.48
CA ALA B 136 17.50 -21.04 2.52
C ALA B 136 17.61 -19.98 1.42
N ILE B 137 16.50 -19.75 0.75
CA ILE B 137 16.37 -18.63 -0.18
C ILE B 137 15.13 -17.86 0.22
N TRP B 138 15.33 -16.67 0.77
CA TRP B 138 14.23 -15.83 1.22
C TRP B 138 13.81 -14.86 0.13
N PHE B 139 12.50 -14.77 -0.10
CA PHE B 139 11.96 -13.95 -1.18
C PHE B 139 11.36 -12.66 -0.67
N CYS B 140 11.91 -11.55 -1.12
CA CYS B 140 11.34 -10.24 -0.87
C CYS B 140 10.55 -9.81 -2.10
N LEU B 141 10.02 -8.59 -2.08
CA LEU B 141 9.19 -8.08 -3.16
C LEU B 141 9.92 -8.12 -4.50
N GLU B 142 11.22 -7.88 -4.46
CA GLU B 142 12.03 -7.79 -5.67
C GLU B 142 13.26 -8.69 -5.58
N LYS B 143 14.09 -8.44 -4.56
CA LYS B 143 15.31 -9.19 -4.38
C LYS B 143 15.04 -10.55 -3.74
N THR B 144 16.00 -11.47 -3.88
CA THR B 144 16.01 -12.71 -3.12
C THR B 144 17.31 -12.76 -2.35
N TYR B 145 17.34 -13.54 -1.27
CA TYR B 145 18.51 -13.58 -0.39
C TYR B 145 18.80 -14.99 0.11
N CYS B 146 20.09 -15.29 0.22
CA CYS B 146 20.56 -16.52 0.85
C CYS B 146 21.71 -16.17 1.78
N PHE B 147 22.15 -17.15 2.58
CA PHE B 147 23.22 -16.92 3.54
C PHE B 147 24.54 -17.52 3.07
N GLU B 148 24.46 -18.43 2.10
CA GLU B 148 25.64 -19.07 1.54
C GLU B 148 25.40 -19.41 0.08
N ILE B 149 26.46 -19.80 -0.61
CA ILE B 149 26.37 -20.29 -1.99
C ILE B 149 26.95 -21.69 -2.06
N ASN B 150 26.08 -22.68 -2.16
CA ASN B 150 26.48 -24.07 -2.31
C ASN B 150 25.84 -24.69 -3.55
N ASP B 151 26.21 -25.94 -3.84
CA ASP B 151 25.73 -26.60 -5.04
C ASP B 151 24.21 -26.72 -5.09
N CYS B 152 23.59 -26.93 -3.92
CA CYS B 152 22.15 -27.04 -3.84
C CYS B 152 21.47 -25.73 -4.20
N ILE B 153 21.98 -24.63 -3.65
CA ILE B 153 21.45 -23.31 -3.98
C ILE B 153 21.77 -23.01 -5.45
N ARG B 154 22.97 -23.38 -5.88
CA ARG B 154 23.37 -23.18 -7.27
C ARG B 154 22.40 -23.86 -8.23
N GLU B 155 21.99 -25.07 -7.87
CA GLU B 155 21.08 -25.86 -8.70
C GLU B 155 19.74 -25.16 -8.86
N TYR B 156 19.34 -24.39 -7.84
CA TYR B 156 18.08 -23.67 -7.90
C TYR B 156 18.18 -22.41 -8.74
N MET B 157 19.29 -21.70 -8.61
CA MET B 157 19.48 -20.44 -9.33
C MET B 157 19.96 -20.67 -10.76
N GLU B 158 19.91 -21.93 -11.20
CA GLU B 158 20.22 -22.27 -12.59
C GLU B 158 18.93 -22.53 -13.35
N VAL B 159 18.01 -23.24 -12.72
CA VAL B 159 16.70 -23.49 -13.30
C VAL B 159 15.97 -22.15 -13.48
N GLU B 160 16.22 -21.23 -12.56
CA GLU B 160 15.75 -19.86 -12.69
C GLU B 160 16.91 -18.91 -12.38
N ALA B 161 17.29 -18.09 -13.35
CA ALA B 161 18.47 -17.24 -13.22
C ALA B 161 18.28 -16.13 -12.19
N LEU B 162 18.08 -16.52 -10.94
CA LEU B 162 18.01 -15.56 -9.84
C LEU B 162 19.42 -15.22 -9.39
N ASN B 163 19.60 -13.99 -8.90
CA ASN B 163 20.87 -13.55 -8.36
C ASN B 163 20.73 -13.23 -6.87
N PRO B 164 20.45 -14.25 -6.05
CA PRO B 164 20.23 -14.04 -4.62
C PRO B 164 21.44 -13.45 -3.93
N ASP B 165 21.25 -12.33 -3.24
CA ASP B 165 22.34 -11.65 -2.56
C ASP B 165 22.73 -12.40 -1.29
N VAL B 166 24.03 -12.64 -1.14
CA VAL B 166 24.55 -13.34 0.04
C VAL B 166 24.67 -12.36 1.20
N ILE B 167 23.73 -12.44 2.13
CA ILE B 167 23.70 -11.54 3.29
C ILE B 167 24.14 -12.26 4.56
N GLU B 168 24.39 -11.48 5.60
CA GLU B 168 24.72 -12.03 6.91
C GLU B 168 23.45 -12.50 7.58
N ASP B 169 23.60 -13.33 8.61
CA ASP B 169 22.46 -13.92 9.30
C ASP B 169 21.61 -12.85 10.00
N ASN B 170 22.26 -11.82 10.50
CA ASN B 170 21.58 -10.78 11.26
C ASN B 170 20.78 -9.81 10.40
N MET B 171 20.88 -9.96 9.08
CA MET B 171 20.22 -9.04 8.16
C MET B 171 18.78 -9.43 7.85
N LEU B 172 18.40 -10.67 8.14
CA LEU B 172 17.06 -11.15 7.83
C LEU B 172 15.99 -10.40 8.60
N GLU B 173 16.31 -10.02 9.84
CA GLU B 173 15.36 -9.34 10.72
C GLU B 173 14.82 -8.07 10.05
N GLY B 174 15.70 -7.34 9.37
CA GLY B 174 15.33 -6.09 8.74
C GLY B 174 14.63 -6.24 7.41
N LEU B 175 14.57 -7.47 6.90
CA LEU B 175 13.93 -7.73 5.61
C LEU B 175 12.44 -8.03 5.75
N THR B 176 11.67 -7.62 4.75
CA THR B 176 10.26 -7.96 4.64
C THR B 176 10.11 -9.02 3.57
N VAL B 177 9.63 -10.20 3.97
CA VAL B 177 9.62 -11.36 3.08
C VAL B 177 8.21 -11.91 2.85
N TYR B 178 8.07 -12.67 1.77
CA TYR B 178 6.80 -13.30 1.40
C TYR B 178 6.85 -14.81 1.58
N LYS B 179 8.03 -15.38 1.38
CA LYS B 179 8.23 -16.81 1.53
C LYS B 179 9.70 -17.17 1.62
N VAL B 180 9.96 -18.40 2.06
CA VAL B 180 11.30 -18.95 2.05
C VAL B 180 11.27 -20.28 1.29
N LEU B 181 12.31 -20.53 0.52
CA LEU B 181 12.45 -21.78 -0.19
C LEU B 181 13.74 -22.45 0.25
N PHE B 182 13.62 -23.70 0.65
CA PHE B 182 14.79 -24.51 1.01
C PHE B 182 15.09 -25.49 -0.13
N SER B 183 16.17 -25.21 -0.86
CA SER B 183 16.65 -26.14 -1.87
C SER B 183 17.48 -27.21 -1.17
N LEU B 184 16.81 -28.25 -0.69
CA LEU B 184 17.45 -29.24 0.17
C LEU B 184 18.14 -30.35 -0.59
N PRO B 185 19.16 -30.97 0.03
CA PRO B 185 19.62 -32.25 -0.51
C PRO B 185 18.52 -33.28 -0.37
N GLU B 186 18.42 -34.22 -1.30
CA GLU B 186 17.41 -35.26 -1.21
C GLU B 186 17.57 -36.04 0.09
N ASN B 187 18.81 -36.09 0.58
CA ASN B 187 19.16 -36.85 1.78
C ASN B 187 18.34 -36.48 3.02
N ILE B 188 17.93 -35.22 3.12
CA ILE B 188 17.25 -34.73 4.32
C ILE B 188 15.86 -34.15 4.02
N LEU B 189 15.37 -34.41 2.82
CA LEU B 189 14.07 -33.87 2.40
C LEU B 189 12.94 -34.38 3.28
N GLU B 190 12.90 -35.68 3.49
CA GLU B 190 11.80 -36.31 4.22
C GLU B 190 11.73 -35.82 5.66
N ASN B 191 12.88 -35.82 6.34
CA ASN B 191 12.92 -35.40 7.73
C ASN B 191 12.63 -33.91 7.90
N THR B 192 13.18 -33.11 7.00
CA THR B 192 13.00 -31.66 7.08
C THR B 192 11.54 -31.28 6.87
N LEU B 193 10.92 -31.93 5.89
CA LEU B 193 9.53 -31.67 5.54
C LEU B 193 8.62 -32.05 6.71
N LYS B 194 8.97 -33.16 7.37
CA LYS B 194 8.22 -33.63 8.52
C LYS B 194 8.24 -32.62 9.66
N LEU B 195 9.42 -32.16 10.05
CA LEU B 195 9.54 -31.23 11.16
C LEU B 195 8.91 -29.88 10.84
N CYS B 196 9.08 -29.43 9.61
CA CYS B 196 8.50 -28.16 9.18
C CYS B 196 6.99 -28.18 9.29
N ARG B 197 6.38 -29.28 8.86
CA ARG B 197 4.93 -29.42 8.91
C ARG B 197 4.44 -29.56 10.35
N GLU B 198 5.14 -30.37 11.14
CA GLU B 198 4.75 -30.57 12.54
C GLU B 198 4.78 -29.27 13.32
N LYS B 199 5.71 -28.37 12.96
CA LYS B 199 5.91 -27.15 13.72
C LYS B 199 5.08 -25.98 13.21
N PHE B 200 4.90 -25.88 11.90
CA PHE B 200 4.37 -24.66 11.29
C PHE B 200 3.12 -24.83 10.40
N SER B 201 2.75 -26.07 10.07
CA SER B 201 1.70 -26.30 9.09
C SER B 201 0.37 -25.64 9.46
N HIS B 202 0.19 -25.33 10.74
CA HIS B 202 -1.03 -24.70 11.22
C HIS B 202 -0.95 -23.18 11.14
N ARG B 203 0.18 -22.66 10.68
CA ARG B 203 0.40 -21.22 10.58
C ARG B 203 0.78 -20.80 9.16
N ILE B 204 1.34 -21.75 8.40
CA ILE B 204 1.71 -21.51 7.02
C ILE B 204 1.56 -22.77 6.20
N ASN B 205 1.59 -22.62 4.89
CA ASN B 205 1.66 -23.76 4.00
C ASN B 205 3.10 -24.25 3.88
N VAL B 206 3.29 -25.53 4.15
CA VAL B 206 4.58 -26.18 3.94
C VAL B 206 4.41 -27.13 2.76
N ALA B 207 5.05 -26.80 1.65
CA ALA B 207 4.85 -27.53 0.40
C ALA B 207 6.15 -28.01 -0.24
N ASN B 208 6.09 -29.22 -0.77
CA ASN B 208 7.17 -29.77 -1.59
C ASN B 208 6.58 -30.20 -2.92
N THR B 209 6.62 -29.30 -3.90
CA THR B 209 5.97 -29.52 -5.19
C THR B 209 6.93 -29.99 -6.27
N PHE B 210 8.14 -29.43 -6.25
CA PHE B 210 9.14 -29.71 -7.29
C PHE B 210 10.42 -30.26 -6.69
N GLN B 211 10.71 -31.53 -6.98
CA GLN B 211 11.92 -32.18 -6.51
C GLN B 211 12.03 -32.14 -4.98
N SER B 212 13.15 -31.64 -4.45
CA SER B 212 13.37 -31.58 -3.01
C SER B 212 13.32 -30.14 -2.50
N TYR B 213 12.67 -29.27 -3.26
CA TYR B 213 12.47 -27.90 -2.83
C TYR B 213 11.34 -27.85 -1.80
N VAL B 214 11.64 -27.29 -0.64
CA VAL B 214 10.62 -27.09 0.40
C VAL B 214 10.32 -25.60 0.50
N GLU B 215 9.04 -25.27 0.39
CA GLU B 215 8.61 -23.89 0.31
C GLU B 215 7.64 -23.58 1.44
N LEU B 216 7.93 -22.52 2.18
CA LEU B 216 7.05 -22.04 3.26
C LEU B 216 6.47 -20.69 2.86
N PHE B 217 5.16 -20.67 2.61
CA PHE B 217 4.48 -19.44 2.22
C PHE B 217 3.11 -19.34 2.86
N HIS B 218 2.49 -18.17 2.72
CA HIS B 218 1.23 -17.85 3.39
C HIS B 218 0.15 -18.90 3.15
N GLN B 219 -0.63 -19.18 4.19
CA GLN B 219 -1.60 -20.26 4.18
C GLN B 219 -2.72 -20.10 3.15
N HIS B 220 -3.32 -18.92 3.09
CA HIS B 220 -4.48 -18.69 2.24
C HIS B 220 -4.10 -18.14 0.86
N THR B 221 -3.07 -18.71 0.26
CA THR B 221 -2.55 -18.21 -1.01
C THR B 221 -2.58 -19.27 -2.11
N ASN B 222 -3.26 -18.92 -3.20
CA ASN B 222 -3.29 -19.73 -4.42
C ASN B 222 -3.30 -18.80 -5.61
N LYS B 223 -2.96 -19.32 -6.78
CA LYS B 223 -3.11 -18.57 -8.01
C LYS B 223 -4.57 -18.19 -8.18
N PHE B 224 -5.46 -19.09 -7.75
CA PHE B 224 -6.89 -18.86 -7.87
C PHE B 224 -7.35 -17.68 -7.03
N GLU B 225 -6.63 -17.38 -5.95
CA GLU B 225 -6.94 -16.21 -5.14
C GLU B 225 -6.67 -14.94 -5.97
N GLY B 226 -5.59 -14.97 -6.75
CA GLY B 226 -5.26 -13.86 -7.62
C GLY B 226 -6.29 -13.72 -8.73
N VAL B 227 -6.79 -14.84 -9.22
CA VAL B 227 -7.83 -14.84 -10.25
C VAL B 227 -9.07 -14.12 -9.74
N LYS B 228 -9.47 -14.43 -8.52
CA LYS B 228 -10.68 -13.86 -7.95
C LYS B 228 -10.55 -12.35 -7.74
N GLU B 229 -9.39 -11.90 -7.31
CA GLU B 229 -9.18 -10.48 -7.03
C GLU B 229 -9.12 -9.67 -8.33
N ILE B 230 -8.44 -10.23 -9.34
CA ILE B 230 -8.32 -9.55 -10.62
C ILE B 230 -9.66 -9.50 -11.32
N CYS B 231 -10.42 -10.58 -11.20
CA CYS B 231 -11.76 -10.63 -11.78
C CYS B 231 -12.68 -9.61 -11.10
N LYS B 232 -12.46 -9.40 -9.80
CA LYS B 232 -13.22 -8.41 -9.04
C LYS B 232 -12.84 -7.00 -9.44
N TYR B 233 -11.55 -6.80 -9.74
CA TYR B 233 -11.05 -5.49 -10.16
C TYR B 233 -11.74 -5.04 -11.44
N TYR B 234 -11.98 -5.97 -12.35
CA TYR B 234 -12.62 -5.66 -13.62
C TYR B 234 -14.12 -5.92 -13.61
N ASN B 235 -14.65 -6.30 -12.44
CA ASN B 235 -16.05 -6.68 -12.32
C ASN B 235 -16.44 -7.74 -13.34
N ILE B 236 -15.63 -8.79 -13.41
CA ILE B 236 -15.89 -9.92 -14.30
C ILE B 236 -16.29 -11.13 -13.47
N SER B 237 -17.40 -11.77 -13.86
CA SER B 237 -17.84 -12.98 -13.19
C SER B 237 -16.90 -14.14 -13.50
N LEU B 238 -16.67 -15.01 -12.52
CA LEU B 238 -15.73 -16.12 -12.67
C LEU B 238 -16.15 -17.05 -13.81
N ASN B 239 -17.43 -17.04 -14.16
CA ASN B 239 -17.91 -17.83 -15.29
C ASN B 239 -17.41 -17.25 -16.61
N ASN B 240 -17.10 -15.94 -16.60
CA ASN B 240 -16.57 -15.27 -17.78
C ASN B 240 -15.04 -15.33 -17.85
N ALA B 241 -14.45 -16.09 -16.93
CA ALA B 241 -12.99 -16.22 -16.87
C ALA B 241 -12.54 -17.61 -17.31
N LEU B 242 -11.27 -17.72 -17.69
CA LEU B 242 -10.69 -18.99 -18.11
C LEU B 242 -9.25 -19.07 -17.62
N ALA B 243 -8.87 -20.25 -17.13
CA ALA B 243 -7.51 -20.49 -16.66
C ALA B 243 -6.86 -21.61 -17.47
N MET B 244 -5.53 -21.61 -17.52
CA MET B 244 -4.80 -22.69 -18.16
C MET B 244 -3.42 -22.82 -17.53
N GLY B 245 -2.92 -24.06 -17.46
CA GLY B 245 -1.66 -24.32 -16.80
C GLY B 245 -1.20 -25.76 -16.98
N ASP B 246 -0.06 -26.09 -16.39
CA ASP B 246 0.53 -27.42 -16.50
C ASP B 246 1.06 -27.96 -15.17
N GLY B 247 1.25 -27.06 -14.20
CA GLY B 247 1.88 -27.42 -12.94
C GLY B 247 0.91 -27.67 -11.80
N GLU B 248 1.44 -28.25 -10.72
CA GLU B 248 0.63 -28.55 -9.55
C GLU B 248 0.07 -27.28 -8.93
N ASN B 249 0.81 -26.18 -9.05
CA ASN B 249 0.39 -24.90 -8.48
C ASN B 249 -0.75 -24.24 -9.26
N ASP B 250 -1.15 -24.87 -10.36
CA ASP B 250 -2.27 -24.38 -11.18
C ASP B 250 -3.57 -25.08 -10.84
N ILE B 251 -3.49 -26.17 -10.08
CA ILE B 251 -4.64 -27.04 -9.82
C ILE B 251 -5.84 -26.27 -9.25
N GLU B 252 -5.58 -25.36 -8.32
CA GLU B 252 -6.64 -24.61 -7.66
C GLU B 252 -7.46 -23.77 -8.65
N MET B 253 -6.79 -23.04 -9.52
CA MET B 253 -7.49 -22.15 -10.45
C MET B 253 -8.14 -22.94 -11.59
N LEU B 254 -7.56 -24.07 -11.95
CA LEU B 254 -8.15 -24.90 -12.99
C LEU B 254 -9.43 -25.55 -12.49
N SER B 255 -9.47 -25.85 -11.20
CA SER B 255 -10.64 -26.47 -10.58
C SER B 255 -11.66 -25.42 -10.14
N GLY B 256 -11.16 -24.27 -9.70
CA GLY B 256 -12.02 -23.22 -9.19
C GLY B 256 -12.90 -22.59 -10.24
N LEU B 257 -12.50 -22.71 -11.51
CA LEU B 257 -13.24 -22.12 -12.62
C LEU B 257 -14.01 -23.15 -13.41
N THR B 258 -15.13 -22.71 -13.99
CA THR B 258 -15.91 -23.56 -14.87
C THR B 258 -15.06 -23.92 -16.08
N HIS B 259 -14.54 -22.90 -16.74
CA HIS B 259 -13.72 -23.08 -17.94
C HIS B 259 -12.24 -23.08 -17.57
N SER B 260 -11.59 -24.22 -17.81
CA SER B 260 -10.16 -24.35 -17.54
C SER B 260 -9.56 -25.38 -18.48
N VAL B 261 -8.33 -25.13 -18.92
CA VAL B 261 -7.68 -25.98 -19.92
C VAL B 261 -6.34 -26.50 -19.40
N GLY B 262 -6.16 -27.82 -19.46
CA GLY B 262 -4.90 -28.44 -19.11
C GLY B 262 -4.12 -28.79 -20.37
N VAL B 263 -2.97 -28.16 -20.56
CA VAL B 263 -2.13 -28.44 -21.72
C VAL B 263 -1.74 -29.91 -21.75
N HIS B 264 -1.54 -30.44 -22.95
CA HIS B 264 -1.26 -31.86 -23.14
C HIS B 264 -0.01 -32.31 -22.38
N ASN B 265 0.97 -31.41 -22.26
CA ASN B 265 2.23 -31.73 -21.60
C ASN B 265 2.12 -31.70 -20.08
N ALA B 266 0.93 -31.38 -19.57
CA ALA B 266 0.68 -31.39 -18.13
C ALA B 266 0.58 -32.83 -17.64
N SER B 267 0.97 -33.06 -16.39
CA SER B 267 0.86 -34.38 -15.79
C SER B 267 -0.60 -34.78 -15.70
N GLU B 268 -0.86 -36.08 -15.58
CA GLU B 268 -2.22 -36.58 -15.50
C GLU B 268 -2.94 -36.03 -14.27
N LYS B 269 -2.18 -35.77 -13.21
CA LYS B 269 -2.74 -35.20 -11.99
C LYS B 269 -3.31 -33.80 -12.27
N VAL B 270 -2.51 -32.97 -12.94
CA VAL B 270 -2.91 -31.60 -13.24
C VAL B 270 -3.96 -31.58 -14.34
N LYS B 271 -3.77 -32.42 -15.35
CA LYS B 271 -4.66 -32.45 -16.50
C LYS B 271 -6.07 -32.87 -16.09
N ASN B 272 -6.15 -33.66 -15.02
CA ASN B 272 -7.44 -34.17 -14.54
C ASN B 272 -8.21 -33.11 -13.76
N SER B 273 -7.49 -32.16 -13.17
CA SER B 273 -8.11 -31.11 -12.37
C SER B 273 -8.70 -30.01 -13.25
N ALA B 274 -8.42 -30.06 -14.54
CA ALA B 274 -8.91 -29.06 -15.49
C ALA B 274 -10.23 -29.51 -16.10
N ALA B 275 -11.03 -28.53 -16.51
CA ALA B 275 -12.33 -28.81 -17.12
C ALA B 275 -12.18 -29.33 -18.54
N TYR B 276 -11.14 -28.85 -19.23
CA TYR B 276 -10.87 -29.26 -20.60
C TYR B 276 -9.41 -29.63 -20.79
N VAL B 277 -9.08 -30.11 -21.98
CA VAL B 277 -7.72 -30.43 -22.35
C VAL B 277 -7.42 -29.82 -23.72
N GLY B 278 -6.19 -29.35 -23.91
CA GLY B 278 -5.80 -28.71 -25.15
C GLY B 278 -4.37 -29.01 -25.54
N PRO B 279 -3.89 -28.38 -26.62
CA PRO B 279 -2.53 -28.56 -27.15
C PRO B 279 -1.45 -28.32 -26.10
N SER B 280 -0.27 -28.89 -26.32
CA SER B 280 0.84 -28.70 -25.40
C SER B 280 1.43 -27.31 -25.54
N ASN B 281 2.37 -26.98 -24.68
CA ASN B 281 3.02 -25.68 -24.70
C ASN B 281 3.86 -25.49 -25.96
N ASN B 282 4.21 -26.60 -26.61
CA ASN B 282 4.95 -26.57 -27.87
C ASN B 282 4.04 -26.42 -29.07
N GLU B 283 2.74 -26.33 -28.82
CA GLU B 283 1.75 -26.28 -29.90
C GLU B 283 0.91 -25.01 -29.84
N HIS B 284 1.53 -23.92 -29.39
CA HIS B 284 0.91 -22.61 -29.39
C HIS B 284 -0.39 -22.61 -28.59
N ALA B 285 -0.30 -23.02 -27.32
CA ALA B 285 -1.47 -23.28 -26.49
C ALA B 285 -2.47 -22.13 -26.44
N ILE B 286 -2.02 -20.94 -26.08
CA ILE B 286 -2.92 -19.81 -25.90
C ILE B 286 -3.57 -19.37 -27.22
N SER B 287 -2.90 -19.64 -28.34
CA SER B 287 -3.43 -19.28 -29.65
C SER B 287 -4.75 -20.00 -29.91
N HIS B 288 -4.79 -21.28 -29.57
CA HIS B 288 -5.96 -22.11 -29.83
C HIS B 288 -7.09 -21.80 -28.85
N VAL B 289 -6.73 -21.44 -27.62
CA VAL B 289 -7.72 -21.07 -26.62
C VAL B 289 -8.39 -19.77 -27.03
N LEU B 290 -7.60 -18.81 -27.49
CA LEU B 290 -8.12 -17.54 -27.96
C LEU B 290 -8.92 -17.71 -29.25
N LYS B 291 -8.67 -18.80 -29.96
CA LYS B 291 -9.39 -19.09 -31.20
C LYS B 291 -10.74 -19.71 -30.88
N THR B 292 -10.74 -20.71 -30.00
CA THR B 292 -11.95 -21.43 -29.64
C THR B 292 -12.88 -20.57 -28.80
N PHE B 293 -12.41 -20.14 -27.63
CA PHE B 293 -13.25 -19.47 -26.65
C PHE B 293 -13.48 -18.00 -26.95
N CYS B 294 -12.66 -17.43 -27.83
CA CYS B 294 -12.77 -16.02 -28.20
C CYS B 294 -12.62 -15.84 -29.71
#